data_6PDF
#
_entry.id   6PDF
#
_cell.length_a   46.066
_cell.length_b   56.098
_cell.length_c   122.620
_cell.angle_alpha   90.00
_cell.angle_beta   90.00
_cell.angle_gamma   90.00
#
_symmetry.space_group_name_H-M   'P 21 21 21'
#
loop_
_entity.id
_entity.type
_entity.pdbx_description
1 polymer 'Histone acetyltransferase KAT8'
2 non-polymer 'ZINC ION'
3 non-polymer 'SODIUM ION'
4 non-polymer GLYCEROL
5 non-polymer 'SULFATE ION'
6 non-polymer "2-fluoro-3-methyl-N'-(phenylsulfonyl)-5-(2H-1,2,3-triazol-2-yl)benzohydrazide"
7 water water
#
_entity_poly.entity_id   1
_entity_poly.type   'polypeptide(L)'
_entity_poly.pdbx_seq_one_letter_code
;KYVDKIHIGNYEIDAWYFSPFPEDYGKQPKLWLCEYCLKYMKYEKSYRFHLGQCQWRQPPGKEIYRKSNISVHEVDGKDH
KIYCQNLCLLAKLFLDH(ALY)TLYFDVEPFVFYILTEVDRQGAHIVGYFSKEKESPDGNNVSCIMILPPYQRRGYGRFL
IAFSYELSKLESTVGSPEKPLSDLGKLSYRSYWSSVLLENLRDFRGTLSIKDLSQMTSITQNDIISTLQSLNMVKYWKGQ
HVICVTPKLVEEHLKSAQYKKPPITVDSVCLKWAPP
;
_entity_poly.pdbx_strand_id   A
#
loop_
_chem_comp.id
_chem_comp.type
_chem_comp.name
_chem_comp.formula
GOL non-polymer GLYCEROL 'C3 H8 O3'
NA non-polymer 'SODIUM ION' 'Na 1'
O9Y non-polymer 2-fluoro-3-methyl-N'-(phenylsulfonyl)-5-(2H-1,2,3-triazol-2-yl)benzohydrazide 'C16 H14 F N5 O3 S'
SO4 non-polymer 'SULFATE ION' 'O4 S -2'
ZN non-polymer 'ZINC ION' 'Zn 2'
#
# COMPACT_ATOMS: atom_id res chain seq x y z
N LYS A 1 -24.01 8.05 -16.15
CA LYS A 1 -22.73 8.73 -15.95
C LYS A 1 -22.07 8.27 -14.63
N TYR A 2 -20.74 8.08 -14.67
CA TYR A 2 -19.94 7.71 -13.50
C TYR A 2 -19.21 8.93 -12.93
N VAL A 3 -18.85 8.85 -11.66
CA VAL A 3 -17.86 9.76 -11.11
C VAL A 3 -16.61 9.75 -11.98
N ASP A 4 -16.24 10.91 -12.53
CA ASP A 4 -15.04 10.97 -13.35
C ASP A 4 -13.97 11.86 -12.73
N LYS A 5 -14.26 12.55 -11.64
CA LYS A 5 -13.34 13.54 -11.14
C LYS A 5 -13.62 13.76 -9.67
N ILE A 6 -12.58 13.91 -8.86
CA ILE A 6 -12.79 14.17 -7.44
C ILE A 6 -11.95 15.34 -6.98
N HIS A 7 -12.44 15.99 -5.94
CA HIS A 7 -11.68 16.98 -5.22
C HIS A 7 -11.46 16.47 -3.81
N ILE A 8 -10.20 16.37 -3.41
CA ILE A 8 -9.88 15.89 -2.07
C ILE A 8 -8.72 16.71 -1.54
N GLY A 9 -8.87 17.25 -0.34
CA GLY A 9 -7.86 18.17 0.17
C GLY A 9 -7.69 19.32 -0.78
N ASN A 10 -6.46 19.54 -1.25
CA ASN A 10 -6.18 20.56 -2.24
C ASN A 10 -5.95 19.99 -3.64
N TYR A 11 -6.30 18.72 -3.87
CA TYR A 11 -6.09 18.08 -5.16
C TYR A 11 -7.41 17.90 -5.91
N GLU A 12 -7.33 18.06 -7.23
CA GLU A 12 -8.30 17.52 -8.16
C GLU A 12 -7.67 16.32 -8.86
N ILE A 13 -8.43 15.23 -8.96
CA ILE A 13 -7.90 13.98 -9.46
C ILE A 13 -8.91 13.37 -10.41
N ASP A 14 -8.50 13.09 -11.65
CA ASP A 14 -9.35 12.38 -12.60
C ASP A 14 -9.41 10.91 -12.24
N ALA A 15 -10.60 10.31 -12.41
CA ALA A 15 -10.80 8.88 -12.17
C ALA A 15 -10.13 8.03 -13.26
N TRP A 16 -9.82 6.79 -12.90
CA TRP A 16 -9.32 5.81 -13.86
C TRP A 16 -10.31 4.72 -14.16
N TYR A 17 -11.24 4.46 -13.24
CA TYR A 17 -12.08 3.29 -13.33
C TYR A 17 -13.44 3.61 -12.74
N PHE A 18 -14.41 2.76 -13.06
CA PHE A 18 -15.73 2.88 -12.45
C PHE A 18 -15.64 2.51 -10.97
N SER A 19 -16.25 3.33 -10.13
CA SER A 19 -16.42 3.01 -8.71
C SER A 19 -17.88 3.20 -8.35
N PRO A 20 -18.50 2.25 -7.65
CA PRO A 20 -19.95 2.23 -7.48
C PRO A 20 -20.50 3.17 -6.40
N PHE A 21 -20.13 4.45 -6.49
CA PHE A 21 -20.83 5.45 -5.69
C PHE A 21 -22.31 5.42 -6.07
N PRO A 22 -23.20 5.84 -5.17
CA PRO A 22 -24.63 5.90 -5.52
C PRO A 22 -24.88 6.69 -6.80
N GLU A 23 -25.94 6.28 -7.52
CA GLU A 23 -26.21 6.83 -8.85
C GLU A 23 -26.24 8.35 -8.84
N ASP A 24 -26.84 8.95 -7.82
CA ASP A 24 -26.99 10.40 -7.78
C ASP A 24 -25.67 11.12 -7.56
N TYR A 25 -24.67 10.43 -6.99
CA TYR A 25 -23.35 11.05 -6.87
C TYR A 25 -22.60 11.01 -8.20
N GLY A 26 -22.66 9.87 -8.91
CA GLY A 26 -22.03 9.77 -10.23
C GLY A 26 -22.51 10.84 -11.20
N LYS A 27 -23.81 11.13 -11.22
CA LYS A 27 -24.34 12.12 -12.16
C LYS A 27 -23.67 13.48 -12.00
N GLN A 28 -23.04 13.75 -10.86
CA GLN A 28 -22.45 15.06 -10.66
C GLN A 28 -21.19 15.22 -11.51
N PRO A 29 -20.84 16.47 -11.88
CA PRO A 29 -19.58 16.68 -12.59
C PRO A 29 -18.36 16.32 -11.75
N LYS A 30 -18.48 16.42 -10.44
CA LYS A 30 -17.32 16.25 -9.57
C LYS A 30 -17.80 15.81 -8.20
N LEU A 31 -17.07 14.89 -7.58
CA LEU A 31 -17.30 14.53 -6.19
C LEU A 31 -16.30 15.23 -5.31
N TRP A 32 -16.73 15.64 -4.13
CA TRP A 32 -15.88 16.32 -3.19
C TRP A 32 -15.75 15.47 -1.95
N LEU A 33 -14.50 15.26 -1.50
CA LEU A 33 -14.23 14.33 -0.41
C LEU A 33 -13.50 15.04 0.71
N CYS A 34 -14.03 14.91 1.92
CA CYS A 34 -13.30 15.33 3.10
C CYS A 34 -12.05 14.48 3.22
N GLU A 35 -10.87 15.12 3.21
CA GLU A 35 -9.63 14.35 3.27
C GLU A 35 -9.44 13.62 4.59
N TYR A 36 -10.21 13.95 5.62
CA TYR A 36 -10.02 13.38 6.95
C TYR A 36 -11.03 12.30 7.28
N CYS A 37 -12.32 12.54 7.06
CA CYS A 37 -13.31 11.51 7.36
C CYS A 37 -13.76 10.76 6.12
N LEU A 38 -13.35 11.20 4.94
CA LEU A 38 -13.63 10.55 3.65
C LEU A 38 -15.10 10.62 3.28
N LYS A 39 -15.90 11.43 3.97
CA LYS A 39 -17.26 11.70 3.52
C LYS A 39 -17.24 12.28 2.10
N TYR A 40 -18.08 11.76 1.23
CA TYR A 40 -18.17 12.23 -0.14
C TYR A 40 -19.44 13.06 -0.31
N MET A 41 -19.34 14.11 -1.13
CA MET A 41 -20.38 15.12 -1.22
C MET A 41 -20.56 15.52 -2.69
N LYS A 42 -21.74 16.06 -2.96
CA LYS A 42 -22.16 16.37 -4.33
C LYS A 42 -21.81 17.77 -4.78
N TYR A 43 -21.62 18.71 -3.86
CA TYR A 43 -21.53 20.11 -4.19
C TYR A 43 -20.38 20.75 -3.44
N GLU A 44 -19.83 21.78 -4.07
CA GLU A 44 -18.80 22.58 -3.41
C GLU A 44 -19.33 23.24 -2.14
N LYS A 45 -20.60 23.64 -2.13
CA LYS A 45 -21.11 24.34 -0.95
C LYS A 45 -21.28 23.39 0.23
N SER A 46 -21.75 22.18 0.00
CA SER A 46 -21.76 21.24 1.11
C SER A 46 -20.36 20.85 1.52
N TYR A 47 -19.42 20.83 0.56
CA TYR A 47 -18.04 20.54 0.89
C TYR A 47 -17.46 21.64 1.77
N ARG A 48 -17.71 22.89 1.40
CA ARG A 48 -17.16 23.99 2.18
C ARG A 48 -17.77 24.04 3.56
N PHE A 49 -19.04 23.69 3.66
CA PHE A 49 -19.68 23.69 4.98
C PHE A 49 -19.11 22.59 5.83
N HIS A 50 -18.90 21.41 5.25
CA HIS A 50 -18.34 20.30 6.02
C HIS A 50 -16.95 20.65 6.53
N LEU A 51 -16.12 21.26 5.69
CA LEU A 51 -14.77 21.58 6.14
C LEU A 51 -14.78 22.44 7.40
N GLY A 52 -15.71 23.39 7.48
CA GLY A 52 -15.83 24.21 8.69
C GLY A 52 -16.39 23.47 9.89
N GLN A 53 -17.07 22.34 9.67
CA GLN A 53 -17.66 21.54 10.74
C GLN A 53 -16.78 20.38 11.17
N CYS A 54 -16.15 19.68 10.22
CA CYS A 54 -15.53 18.41 10.54
C CYS A 54 -14.42 18.62 11.56
N GLN A 55 -14.41 17.80 12.59
CA GLN A 55 -13.39 17.94 13.61
C GLN A 55 -12.26 16.93 13.46
N TRP A 56 -12.39 15.93 12.59
CA TRP A 56 -11.30 15.02 12.30
C TRP A 56 -10.13 15.77 11.67
N ARG A 57 -8.92 15.45 12.11
CA ARG A 57 -7.72 15.94 11.45
C ARG A 57 -6.75 14.81 11.13
N GLN A 58 -7.24 13.57 11.16
CA GLN A 58 -6.43 12.39 10.92
C GLN A 58 -7.34 11.17 10.81
N PRO A 59 -6.86 10.03 10.32
CA PRO A 59 -7.74 8.87 10.21
C PRO A 59 -8.20 8.38 11.56
N PRO A 60 -9.25 7.60 11.59
CA PRO A 60 -9.64 6.97 12.84
C PRO A 60 -8.69 5.83 13.15
N GLY A 61 -9.06 4.96 14.09
CA GLY A 61 -8.19 3.85 14.40
C GLY A 61 -6.98 4.29 15.20
N LYS A 62 -6.03 3.37 15.32
CA LYS A 62 -4.83 3.53 16.14
C LYS A 62 -3.63 3.89 15.28
N GLU A 63 -2.90 4.93 15.67
CA GLU A 63 -1.65 5.30 15.00
C GLU A 63 -0.55 4.31 15.36
N ILE A 64 -0.30 3.32 14.49
CA ILE A 64 0.67 2.29 14.80
C ILE A 64 2.06 2.57 14.23
N TYR A 65 2.27 3.73 13.61
CA TYR A 65 3.60 4.10 13.16
C TYR A 65 3.67 5.60 13.08
N ARG A 66 4.73 6.17 13.63
CA ARG A 66 4.99 7.59 13.47
C ARG A 66 6.50 7.77 13.47
N LYS A 67 7.03 8.30 12.37
CA LYS A 67 8.41 8.76 12.35
C LYS A 67 8.45 10.07 11.60
N SER A 68 8.80 11.15 12.31
CA SER A 68 8.76 12.50 11.76
C SER A 68 7.32 12.76 11.32
N ASN A 69 7.07 13.20 10.10
CA ASN A 69 5.71 13.48 9.69
C ASN A 69 5.08 12.36 8.86
N ILE A 70 5.62 11.16 8.94
CA ILE A 70 5.06 10.00 8.26
C ILE A 70 4.35 9.15 9.28
N SER A 71 3.11 8.78 8.98
CA SER A 71 2.25 8.15 9.95
C SER A 71 1.39 7.07 9.29
N VAL A 72 1.16 5.98 10.00
CA VAL A 72 0.29 4.92 9.53
C VAL A 72 -0.75 4.64 10.61
N HIS A 73 -2.02 4.58 10.21
CA HIS A 73 -3.12 4.29 11.10
C HIS A 73 -3.71 2.93 10.75
N GLU A 74 -3.93 2.12 11.78
CA GLU A 74 -4.62 0.86 11.63
C GLU A 74 -6.10 1.05 11.94
N VAL A 75 -6.96 0.62 11.02
CA VAL A 75 -8.40 0.85 11.11
C VAL A 75 -9.10 -0.47 10.85
N ASP A 76 -9.83 -0.96 11.85
CA ASP A 76 -10.55 -2.21 11.74
C ASP A 76 -11.84 -1.98 10.97
N GLY A 77 -12.08 -2.76 9.93
CA GLY A 77 -13.28 -2.59 9.14
C GLY A 77 -14.57 -2.73 9.94
N LYS A 78 -14.54 -3.49 11.03
CA LYS A 78 -15.73 -3.67 11.86
C LYS A 78 -15.94 -2.49 12.82
N ASP A 79 -14.87 -1.91 13.34
CA ASP A 79 -15.01 -0.76 14.23
C ASP A 79 -15.30 0.56 13.51
N HIS A 80 -14.99 0.67 12.20
CA HIS A 80 -15.17 1.93 11.48
C HIS A 80 -15.67 1.64 10.07
N LYS A 81 -16.90 1.14 9.99
CA LYS A 81 -17.45 0.63 8.74
C LYS A 81 -17.62 1.72 7.69
N ILE A 82 -18.29 2.82 8.05
CA ILE A 82 -18.57 3.87 7.07
C ILE A 82 -17.27 4.41 6.49
N TYR A 83 -16.33 4.78 7.36
CA TYR A 83 -15.03 5.30 6.92
C TYR A 83 -14.37 4.33 5.95
N CYS A 84 -14.40 3.03 6.25
CA CYS A 84 -13.68 2.06 5.42
C CYS A 84 -14.40 1.81 4.11
N GLN A 85 -15.73 1.90 4.11
CA GLN A 85 -16.49 1.84 2.87
C GLN A 85 -16.16 3.03 1.97
N ASN A 86 -16.15 4.26 2.53
CA ASN A 86 -15.75 5.42 1.74
C ASN A 86 -14.33 5.23 1.19
N LEU A 87 -13.42 4.72 2.03
CA LEU A 87 -12.06 4.43 1.56
C LEU A 87 -12.08 3.49 0.38
N CYS A 88 -12.90 2.44 0.43
CA CYS A 88 -12.91 1.47 -0.65
C CYS A 88 -13.47 2.05 -1.95
N LEU A 89 -14.49 2.92 -1.84
CA LEU A 89 -15.04 3.59 -3.01
C LEU A 89 -14.02 4.54 -3.62
N LEU A 90 -13.31 5.28 -2.78
CA LEU A 90 -12.20 6.10 -3.24
C LEU A 90 -11.16 5.25 -3.96
N ALA A 91 -10.73 4.15 -3.34
CA ALA A 91 -9.66 3.35 -3.92
C ALA A 91 -10.07 2.75 -5.25
N LYS A 92 -11.35 2.39 -5.40
CA LYS A 92 -11.81 1.73 -6.61
C LYS A 92 -11.76 2.65 -7.83
N LEU A 93 -11.70 3.97 -7.61
CA LEU A 93 -11.50 4.89 -8.73
C LEU A 93 -10.14 4.69 -9.37
N PHE A 94 -9.18 4.13 -8.65
CA PHE A 94 -7.82 3.96 -9.15
C PHE A 94 -7.36 2.53 -9.16
N LEU A 95 -8.26 1.58 -8.86
CA LEU A 95 -7.96 0.15 -8.90
C LEU A 95 -8.95 -0.53 -9.83
N ASP A 96 -8.43 -1.23 -10.82
CA ASP A 96 -9.29 -1.96 -11.75
C ASP A 96 -9.90 -3.18 -11.10
N HIS A 97 -9.11 -3.90 -10.31
CA HIS A 97 -9.45 -5.26 -9.90
C HIS A 97 -10.10 -5.40 -8.53
OH ALY A 98 -9.28 -2.72 -0.30
CH ALY A 98 -10.40 -3.26 -0.41
CH3 ALY A 98 -10.79 -4.44 0.44
NZ ALY A 98 -11.35 -2.81 -1.31
CE ALY A 98 -11.19 -1.69 -2.19
CD ALY A 98 -10.52 -1.96 -3.52
CG ALY A 98 -11.30 -2.99 -4.33
CB ALY A 98 -10.60 -3.08 -5.67
CA ALY A 98 -10.81 -4.36 -6.49
N ALY A 98 -10.18 -4.31 -7.79
C ALY A 98 -12.28 -4.59 -6.72
O ALY A 98 -12.92 -4.05 -7.64
N THR A 99 -12.85 -5.47 -5.90
CA THR A 99 -14.25 -5.87 -6.11
C THR A 99 -15.10 -5.66 -4.87
N LEU A 100 -14.44 -5.47 -3.74
CA LEU A 100 -15.12 -5.42 -2.45
C LEU A 100 -15.08 -4.01 -1.89
N TYR A 101 -16.25 -3.45 -1.60
CA TYR A 101 -16.36 -2.06 -1.15
C TYR A 101 -17.22 -1.91 0.10
N PHE A 102 -18.26 -2.73 0.23
CA PHE A 102 -19.21 -2.55 1.31
C PHE A 102 -19.13 -3.63 2.38
N ASP A 103 -18.49 -4.76 2.07
CA ASP A 103 -18.25 -5.81 3.06
C ASP A 103 -16.84 -5.62 3.63
N VAL A 104 -16.70 -4.64 4.52
CA VAL A 104 -15.37 -4.27 4.98
C VAL A 104 -15.00 -4.94 6.30
N GLU A 105 -15.93 -5.62 6.96
CA GLU A 105 -15.64 -6.20 8.28
C GLU A 105 -14.53 -7.24 8.29
N PRO A 106 -14.31 -8.08 7.26
CA PRO A 106 -13.18 -9.00 7.31
C PRO A 106 -11.82 -8.35 7.14
N PHE A 107 -11.74 -7.03 6.95
CA PHE A 107 -10.49 -6.40 6.61
C PHE A 107 -10.04 -5.42 7.68
N VAL A 108 -8.73 -5.28 7.77
CA VAL A 108 -8.10 -4.17 8.45
C VAL A 108 -7.43 -3.32 7.38
N PHE A 109 -7.42 -2.00 7.59
CA PHE A 109 -6.91 -1.03 6.63
C PHE A 109 -5.79 -0.23 7.28
N TYR A 110 -4.71 -0.04 6.53
CA TYR A 110 -3.53 0.70 6.99
C TYR A 110 -3.42 1.94 6.13
N ILE A 111 -3.64 3.11 6.74
CA ILE A 111 -3.74 4.39 6.05
C ILE A 111 -2.44 5.15 6.23
N LEU A 112 -1.77 5.45 5.12
CA LEU A 112 -0.56 6.26 5.14
C LEU A 112 -0.90 7.76 5.04
N THR A 113 -0.36 8.55 5.96
CA THR A 113 -0.56 9.99 5.94
C THR A 113 0.75 10.73 6.09
N GLU A 114 0.78 11.91 5.48
CA GLU A 114 1.86 12.89 5.56
C GLU A 114 1.33 14.08 6.37
N VAL A 115 2.03 14.46 7.43
CA VAL A 115 1.47 15.35 8.44
C VAL A 115 2.05 16.75 8.27
N ASP A 116 1.21 17.77 8.46
CA ASP A 116 1.69 19.14 8.64
C ASP A 116 0.93 19.80 9.80
N ARG A 117 1.09 21.12 9.93
CA ARG A 117 0.43 21.87 10.99
C ARG A 117 -1.09 21.69 10.98
N GLN A 118 -1.69 21.50 9.79
CA GLN A 118 -3.14 21.41 9.67
C GLN A 118 -3.71 20.02 9.92
N GLY A 119 -3.01 18.95 9.56
CA GLY A 119 -3.50 17.61 9.85
C GLY A 119 -2.71 16.54 9.13
N ALA A 120 -3.18 15.30 9.28
CA ALA A 120 -2.55 14.14 8.66
C ALA A 120 -3.24 13.87 7.32
N HIS A 121 -2.55 14.19 6.23
CA HIS A 121 -3.09 14.15 4.88
C HIS A 121 -2.93 12.78 4.24
N ILE A 122 -4.03 12.23 3.73
CA ILE A 122 -4.04 10.85 3.27
C ILE A 122 -3.26 10.74 1.97
N VAL A 123 -2.43 9.71 1.89
CA VAL A 123 -1.56 9.47 0.75
C VAL A 123 -1.97 8.21 0.01
N GLY A 124 -2.35 7.18 0.76
CA GLY A 124 -2.73 5.89 0.20
C GLY A 124 -2.97 4.93 1.34
N TYR A 125 -3.15 3.66 1.01
CA TYR A 125 -3.48 2.66 2.03
C TYR A 125 -3.22 1.28 1.46
N PHE A 126 -3.26 0.28 2.35
CA PHE A 126 -3.49 -1.08 1.90
C PHE A 126 -4.45 -1.76 2.85
N SER A 127 -5.27 -2.66 2.30
CA SER A 127 -6.13 -3.50 3.11
C SER A 127 -5.48 -4.87 3.28
N LYS A 128 -5.97 -5.60 4.28
CA LYS A 128 -5.41 -6.89 4.64
C LYS A 128 -6.50 -7.74 5.25
N GLU A 129 -6.61 -8.98 4.81
CA GLU A 129 -7.59 -9.87 5.41
C GLU A 129 -7.16 -10.22 6.82
N LYS A 130 -8.07 -10.06 7.77
CA LYS A 130 -7.80 -10.51 9.14
C LYS A 130 -7.43 -11.98 9.14
N GLU A 131 -8.09 -12.77 8.28
CA GLU A 131 -7.79 -14.19 8.14
C GLU A 131 -7.53 -14.47 6.66
N SER A 132 -6.27 -14.59 6.27
CA SER A 132 -5.95 -14.87 4.88
C SER A 132 -5.62 -16.33 4.69
N PRO A 133 -6.52 -17.14 4.12
CA PRO A 133 -6.20 -18.56 3.94
C PRO A 133 -5.02 -18.78 3.01
N ASP A 134 -4.92 -18.00 1.92
CA ASP A 134 -3.89 -18.12 0.90
C ASP A 134 -2.60 -17.40 1.27
N GLY A 135 -2.45 -16.96 2.53
CA GLY A 135 -1.24 -16.28 2.92
C GLY A 135 -0.96 -15.01 2.13
N ASN A 136 -1.93 -14.10 2.09
CA ASN A 136 -1.74 -12.80 1.47
C ASN A 136 -1.56 -11.74 2.55
N ASN A 137 -0.42 -11.05 2.54
CA ASN A 137 -0.17 -9.99 3.51
C ASN A 137 -0.66 -8.63 3.01
N VAL A 138 -1.23 -8.57 1.81
CA VAL A 138 -1.89 -7.39 1.25
C VAL A 138 -3.05 -7.88 0.41
N SER A 139 -4.20 -7.24 0.54
CA SER A 139 -5.36 -7.50 -0.31
C SER A 139 -5.40 -6.49 -1.47
N CYS A 140 -5.60 -5.21 -1.16
CA CYS A 140 -5.46 -4.15 -2.16
C CYS A 140 -4.54 -3.08 -1.63
N ILE A 141 -3.74 -2.51 -2.52
CA ILE A 141 -2.83 -1.42 -2.17
C ILE A 141 -2.95 -0.33 -3.22
N MET A 142 -3.08 0.93 -2.76
CA MET A 142 -3.38 2.05 -3.62
C MET A 142 -2.68 3.29 -3.12
N ILE A 143 -2.04 4.01 -4.03
CA ILE A 143 -1.44 5.32 -3.77
C ILE A 143 -2.16 6.33 -4.64
N LEU A 144 -2.63 7.43 -4.06
CA LEU A 144 -3.36 8.40 -4.87
C LEU A 144 -2.42 8.96 -5.94
N PRO A 145 -2.93 9.24 -7.13
CA PRO A 145 -2.05 9.61 -8.26
C PRO A 145 -1.03 10.69 -7.93
N PRO A 146 -1.41 11.81 -7.29
CA PRO A 146 -0.39 12.86 -7.03
C PRO A 146 0.78 12.39 -6.17
N TYR A 147 0.69 11.22 -5.53
CA TYR A 147 1.75 10.68 -4.69
C TYR A 147 2.44 9.47 -5.31
N GLN A 148 2.02 9.05 -6.49
CA GLN A 148 2.59 7.85 -7.08
C GLN A 148 4.00 8.12 -7.55
N ARG A 149 4.82 7.06 -7.53
CA ARG A 149 6.21 7.13 -7.98
C ARG A 149 7.02 8.09 -7.14
N ARG A 150 6.72 8.19 -5.85
CA ARG A 150 7.47 9.15 -5.05
C ARG A 150 8.01 8.53 -3.76
N GLY A 151 8.02 7.20 -3.67
CA GLY A 151 8.52 6.52 -2.49
C GLY A 151 7.45 6.05 -1.52
N TYR A 152 6.20 6.51 -1.69
CA TYR A 152 5.15 6.17 -0.73
C TYR A 152 4.69 4.73 -0.93
N GLY A 153 4.60 4.27 -2.18
CA GLY A 153 4.20 2.90 -2.44
C GLY A 153 5.24 1.91 -1.96
N ARG A 154 6.53 2.22 -2.20
CA ARG A 154 7.60 1.40 -1.65
C ARG A 154 7.53 1.34 -0.13
N PHE A 155 7.25 2.48 0.50
CA PHE A 155 7.09 2.49 1.95
C PHE A 155 5.99 1.53 2.37
N LEU A 156 4.83 1.60 1.71
CA LEU A 156 3.72 0.76 2.14
C LEU A 156 4.03 -0.72 1.90
N ILE A 157 4.73 -1.02 0.80
CA ILE A 157 5.14 -2.39 0.56
C ILE A 157 6.05 -2.89 1.70
N ALA A 158 7.09 -2.12 2.01
CA ALA A 158 8.00 -2.50 3.08
C ALA A 158 7.25 -2.63 4.38
N PHE A 159 6.23 -1.79 4.58
CA PHE A 159 5.46 -1.83 5.81
C PHE A 159 4.66 -3.12 5.92
N SER A 160 4.05 -3.57 4.81
CA SER A 160 3.29 -4.81 4.86
C SER A 160 4.17 -5.99 5.24
N TYR A 161 5.42 -6.00 4.80
CA TYR A 161 6.31 -7.11 5.12
C TYR A 161 6.82 -7.04 6.56
N GLU A 162 6.98 -5.82 7.11
CA GLU A 162 7.34 -5.72 8.52
C GLU A 162 6.25 -6.32 9.40
N LEU A 163 4.99 -6.08 9.06
CA LEU A 163 3.89 -6.74 9.76
C LEU A 163 4.02 -8.25 9.63
N SER A 164 4.34 -8.74 8.42
CA SER A 164 4.49 -10.18 8.22
C SER A 164 5.62 -10.72 9.08
N LYS A 165 6.73 -9.97 9.18
CA LYS A 165 7.82 -10.40 10.05
C LYS A 165 7.36 -10.53 11.50
N LEU A 166 6.64 -9.52 11.99
CA LEU A 166 6.17 -9.56 13.37
C LEU A 166 5.22 -10.71 13.62
N GLU A 167 4.50 -11.15 12.58
CA GLU A 167 3.61 -12.31 12.66
C GLU A 167 4.33 -13.63 12.45
N SER A 168 5.66 -13.60 12.26
CA SER A 168 6.45 -14.80 11.98
C SER A 168 5.91 -15.59 10.79
N THR A 169 5.61 -14.87 9.70
CA THR A 169 4.98 -15.45 8.53
C THR A 169 5.62 -14.88 7.27
N VAL A 170 5.51 -15.62 6.18
CA VAL A 170 5.73 -15.05 4.86
C VAL A 170 4.39 -14.63 4.31
N GLY A 171 4.41 -13.67 3.39
CA GLY A 171 3.19 -13.20 2.74
C GLY A 171 3.48 -12.65 1.35
N SER A 172 2.44 -12.63 0.54
CA SER A 172 2.47 -12.11 -0.82
C SER A 172 1.24 -11.24 -1.06
N PRO A 173 1.34 -10.22 -1.93
CA PRO A 173 0.13 -9.47 -2.30
C PRO A 173 -0.85 -10.33 -3.09
N GLU A 174 -2.13 -10.11 -2.83
CA GLU A 174 -3.17 -10.77 -3.62
C GLU A 174 -3.09 -10.32 -5.07
N LYS A 175 -3.19 -11.26 -5.99
CA LYS A 175 -3.13 -10.94 -7.41
C LYS A 175 -4.53 -10.78 -7.99
N PRO A 176 -4.69 -10.08 -9.12
CA PRO A 176 -3.71 -9.41 -9.97
C PRO A 176 -3.31 -8.02 -9.46
N LEU A 177 -2.03 -7.70 -9.63
CA LEU A 177 -1.52 -6.38 -9.32
C LEU A 177 -1.75 -5.46 -10.52
N SER A 178 -1.98 -4.18 -10.23
CA SER A 178 -1.96 -3.20 -11.30
C SER A 178 -0.57 -3.14 -11.94
N ASP A 179 -0.53 -2.50 -13.10
CA ASP A 179 0.72 -2.37 -13.83
C ASP A 179 1.79 -1.69 -12.98
N LEU A 180 1.44 -0.56 -12.36
CA LEU A 180 2.36 0.11 -11.45
C LEU A 180 2.64 -0.75 -10.24
N GLY A 181 1.64 -1.53 -9.81
CA GLY A 181 1.84 -2.43 -8.68
C GLY A 181 2.85 -3.52 -8.97
N LYS A 182 2.78 -4.13 -10.16
CA LYS A 182 3.77 -5.11 -10.58
C LYS A 182 5.18 -4.54 -10.53
N LEU A 183 5.41 -3.41 -11.22
CA LEU A 183 6.75 -2.85 -11.25
C LEU A 183 7.22 -2.50 -9.85
N SER A 184 6.31 -2.01 -9.02
CA SER A 184 6.72 -1.58 -7.69
C SER A 184 7.14 -2.78 -6.84
N TYR A 185 6.38 -3.87 -6.90
CA TYR A 185 6.75 -5.03 -6.11
C TYR A 185 8.04 -5.65 -6.60
N ARG A 186 8.22 -5.74 -7.92
CA ARG A 186 9.45 -6.31 -8.46
C ARG A 186 10.67 -5.48 -8.07
N SER A 187 10.55 -4.15 -8.14
CA SER A 187 11.65 -3.28 -7.75
C SER A 187 11.95 -3.40 -6.26
N TYR A 188 10.90 -3.43 -5.42
CA TYR A 188 11.12 -3.57 -4.00
C TYR A 188 11.77 -4.90 -3.68
N TRP A 189 11.27 -5.99 -4.27
CA TRP A 189 11.86 -7.31 -4.05
C TRP A 189 13.32 -7.33 -4.43
N SER A 190 13.64 -6.82 -5.62
CA SER A 190 15.02 -6.80 -6.07
C SER A 190 15.90 -6.04 -5.08
N SER A 191 15.49 -4.83 -4.70
CA SER A 191 16.27 -4.02 -3.77
C SER A 191 16.59 -4.79 -2.51
N VAL A 192 15.57 -5.40 -1.92
CA VAL A 192 15.70 -6.07 -0.64
C VAL A 192 16.61 -7.29 -0.75
N LEU A 193 16.41 -8.10 -1.80
CA LEU A 193 17.20 -9.33 -1.92
C LEU A 193 18.64 -9.01 -2.29
N LEU A 194 18.84 -8.04 -3.18
CA LEU A 194 20.18 -7.63 -3.53
C LEU A 194 20.92 -7.04 -2.33
N GLU A 195 20.21 -6.33 -1.46
CA GLU A 195 20.87 -5.78 -0.28
C GLU A 195 21.26 -6.87 0.69
N ASN A 196 20.41 -7.88 0.86
CA ASN A 196 20.76 -8.99 1.76
C ASN A 196 21.90 -9.84 1.21
N LEU A 197 22.01 -9.96 -0.11
CA LEU A 197 23.09 -10.73 -0.70
C LEU A 197 24.41 -9.99 -0.68
N ARG A 198 24.37 -8.66 -0.62
CA ARG A 198 25.58 -7.86 -0.51
C ARG A 198 26.20 -7.99 0.87
N ASP A 199 25.39 -7.91 1.93
CA ASP A 199 25.89 -8.10 3.30
C ASP A 199 25.23 -9.25 4.04
N LEU A 204 23.68 -17.94 2.25
CA LEU A 204 22.25 -17.63 2.21
C LEU A 204 21.50 -18.48 1.20
N SER A 205 20.63 -19.37 1.70
CA SER A 205 19.76 -20.10 0.80
C SER A 205 18.56 -19.24 0.41
N ILE A 206 17.74 -19.78 -0.49
CA ILE A 206 16.46 -19.15 -0.77
C ILE A 206 15.57 -19.22 0.47
N LYS A 207 15.64 -20.32 1.24
CA LYS A 207 14.81 -20.40 2.43
C LYS A 207 15.23 -19.37 3.47
N ASP A 208 16.52 -19.05 3.55
CA ASP A 208 16.95 -18.06 4.54
C ASP A 208 16.51 -16.66 4.14
N LEU A 209 16.68 -16.31 2.85
CA LEU A 209 16.16 -15.04 2.36
C LEU A 209 14.67 -14.90 2.68
N SER A 210 13.91 -15.99 2.52
CA SER A 210 12.49 -15.95 2.80
C SER A 210 12.21 -15.70 4.27
N GLN A 211 13.02 -16.29 5.15
CA GLN A 211 12.80 -16.09 6.57
C GLN A 211 13.30 -14.73 7.05
N MET A 212 14.32 -14.17 6.42
CA MET A 212 14.80 -12.86 6.83
C MET A 212 13.91 -11.73 6.33
N THR A 213 13.16 -11.94 5.24
CA THR A 213 12.44 -10.86 4.60
C THR A 213 10.92 -11.00 4.64
N SER A 214 10.39 -12.16 4.99
CA SER A 214 8.99 -12.55 4.85
C SER A 214 8.49 -12.53 3.40
N ILE A 215 9.38 -12.42 2.42
CA ILE A 215 9.02 -12.65 1.02
C ILE A 215 8.87 -14.15 0.80
N THR A 216 7.83 -14.56 0.07
CA THR A 216 7.64 -15.97 -0.20
C THR A 216 8.76 -16.50 -1.10
N GLN A 217 8.99 -17.80 -1.03
CA GLN A 217 10.03 -18.38 -1.86
C GLN A 217 9.74 -18.20 -3.33
N ASN A 218 8.47 -18.33 -3.72
CA ASN A 218 8.11 -18.11 -5.12
C ASN A 218 8.46 -16.71 -5.57
N ASP A 219 8.16 -15.71 -4.74
CA ASP A 219 8.46 -14.34 -5.14
C ASP A 219 9.95 -14.10 -5.19
N ILE A 220 10.69 -14.70 -4.24
CA ILE A 220 12.15 -14.65 -4.28
C ILE A 220 12.67 -15.30 -5.55
N ILE A 221 12.22 -16.52 -5.82
CA ILE A 221 12.71 -17.24 -7.00
C ILE A 221 12.44 -16.44 -8.27
N SER A 222 11.19 -16.01 -8.46
CA SER A 222 10.85 -15.31 -9.69
C SER A 222 11.68 -14.04 -9.84
N THR A 223 11.98 -13.37 -8.73
CA THR A 223 12.83 -12.17 -8.81
C THR A 223 14.27 -12.54 -9.14
N LEU A 224 14.82 -13.57 -8.51
CA LEU A 224 16.19 -13.99 -8.81
C LEU A 224 16.31 -14.47 -10.26
N GLN A 225 15.26 -15.08 -10.79
CA GLN A 225 15.24 -15.41 -12.22
C GLN A 225 15.31 -14.16 -13.09
N SER A 226 14.52 -13.14 -12.76
CA SER A 226 14.58 -11.94 -13.58
C SER A 226 15.93 -11.26 -13.46
N LEU A 227 16.65 -11.48 -12.36
CA LEU A 227 18.00 -10.98 -12.20
C LEU A 227 19.05 -11.96 -12.71
N ASN A 228 18.62 -13.15 -13.16
CA ASN A 228 19.54 -14.20 -13.61
C ASN A 228 20.57 -14.51 -12.52
N MET A 229 20.07 -14.76 -11.30
CA MET A 229 20.93 -15.08 -10.17
C MET A 229 20.60 -16.44 -9.56
N VAL A 230 19.92 -17.30 -10.30
CA VAL A 230 19.59 -18.62 -9.78
C VAL A 230 20.03 -19.68 -10.79
N LYS A 231 20.59 -20.76 -10.27
CA LYS A 231 20.87 -21.98 -11.00
C LYS A 231 19.80 -23.00 -10.70
N TYR A 232 19.59 -23.94 -11.62
CA TYR A 232 18.71 -25.07 -11.38
C TYR A 232 19.56 -26.33 -11.29
N TRP A 233 19.35 -27.11 -10.24
CA TRP A 233 20.08 -28.37 -10.09
C TRP A 233 19.13 -29.43 -9.57
N LYS A 234 18.81 -30.39 -10.43
CA LYS A 234 17.97 -31.54 -10.10
C LYS A 234 16.70 -31.12 -9.36
N GLY A 235 15.96 -30.22 -9.97
CA GLY A 235 14.67 -29.83 -9.48
C GLY A 235 14.69 -28.80 -8.39
N GLN A 236 15.84 -28.21 -8.11
CA GLN A 236 15.97 -27.26 -7.01
C GLN A 236 16.58 -25.96 -7.51
N HIS A 237 15.87 -24.86 -7.24
CA HIS A 237 16.43 -23.54 -7.48
C HIS A 237 17.52 -23.29 -6.45
N VAL A 238 18.67 -22.81 -6.91
CA VAL A 238 19.85 -22.57 -6.07
C VAL A 238 20.46 -21.23 -6.43
N ILE A 239 20.84 -20.45 -5.41
CA ILE A 239 21.31 -19.09 -5.63
C ILE A 239 22.72 -19.12 -6.17
N CYS A 240 22.92 -18.48 -7.32
CA CYS A 240 24.22 -18.47 -8.00
C CYS A 240 24.60 -17.03 -8.34
N VAL A 241 25.29 -16.36 -7.42
CA VAL A 241 25.63 -14.97 -7.61
C VAL A 241 27.00 -14.67 -7.02
N THR A 242 27.73 -13.80 -7.68
CA THR A 242 29.00 -13.31 -7.17
C THR A 242 28.82 -11.94 -6.53
N PRO A 243 29.45 -11.73 -5.37
CA PRO A 243 29.28 -10.45 -4.65
C PRO A 243 29.50 -9.22 -5.51
N LYS A 244 30.32 -9.33 -6.56
CA LYS A 244 30.48 -8.22 -7.48
C LYS A 244 29.27 -8.06 -8.38
N LEU A 245 28.68 -9.18 -8.83
CA LEU A 245 27.46 -9.11 -9.63
C LEU A 245 26.36 -8.38 -8.88
N VAL A 246 26.18 -8.73 -7.59
CA VAL A 246 25.22 -8.03 -6.74
C VAL A 246 25.46 -6.53 -6.81
N GLU A 247 26.69 -6.10 -6.53
CA GLU A 247 26.98 -4.68 -6.46
C GLU A 247 26.70 -3.97 -7.78
N GLU A 248 26.96 -4.63 -8.91
CA GLU A 248 26.66 -4.03 -10.20
C GLU A 248 25.17 -3.72 -10.34
N HIS A 249 24.32 -4.67 -9.94
CA HIS A 249 22.88 -4.43 -10.02
C HIS A 249 22.46 -3.28 -9.12
N LEU A 250 23.03 -3.20 -7.91
CA LEU A 250 22.61 -2.17 -6.98
C LEU A 250 23.03 -0.79 -7.42
N LYS A 251 24.17 -0.67 -8.10
CA LYS A 251 24.62 0.63 -8.58
C LYS A 251 23.73 1.18 -9.68
N SER A 252 22.91 0.34 -10.31
CA SER A 252 22.03 0.79 -11.37
C SER A 252 21.07 1.88 -10.87
N ALA A 253 20.52 2.63 -11.82
CA ALA A 253 19.72 3.80 -11.52
C ALA A 253 18.30 3.46 -11.08
N GLN A 254 17.92 2.18 -11.14
CA GLN A 254 16.67 1.73 -10.51
C GLN A 254 16.65 2.14 -9.03
N TYR A 255 17.69 1.78 -8.30
CA TYR A 255 17.76 1.88 -6.84
C TYR A 255 18.53 3.12 -6.39
N LYS A 256 18.26 4.23 -7.07
CA LYS A 256 18.99 5.49 -6.87
C LYS A 256 18.21 6.50 -6.04
N LYS A 257 16.88 6.40 -5.98
CA LYS A 257 16.09 7.34 -5.19
C LYS A 257 16.11 6.93 -3.72
N PRO A 258 16.42 7.85 -2.81
CA PRO A 258 16.50 7.51 -1.38
C PRO A 258 15.12 7.18 -0.84
N PRO A 259 14.91 5.97 -0.32
CA PRO A 259 13.57 5.59 0.13
C PRO A 259 13.19 6.37 1.39
N ILE A 260 11.88 6.49 1.59
CA ILE A 260 11.30 6.64 2.93
C ILE A 260 11.45 5.30 3.60
N THR A 261 12.21 5.24 4.67
CA THR A 261 12.44 3.93 5.26
C THR A 261 11.40 3.63 6.32
N VAL A 262 11.10 2.34 6.48
CA VAL A 262 10.29 1.88 7.60
C VAL A 262 11.24 1.58 8.76
N ASP A 263 11.15 2.38 9.82
CA ASP A 263 11.94 2.20 11.03
C ASP A 263 11.17 1.31 11.98
N SER A 264 11.62 0.06 12.14
CA SER A 264 10.92 -0.88 13.01
C SER A 264 10.82 -0.37 14.43
N VAL A 265 11.75 0.50 14.83
CA VAL A 265 11.72 1.10 16.16
C VAL A 265 10.46 1.93 16.35
N CYS A 266 9.97 2.56 15.29
CA CYS A 266 8.82 3.44 15.38
C CYS A 266 7.50 2.74 15.09
N LEU A 267 7.54 1.43 14.83
CA LEU A 267 6.34 0.64 14.56
C LEU A 267 5.85 0.04 15.88
N LYS A 268 4.75 0.58 16.40
CA LYS A 268 4.16 0.15 17.67
C LYS A 268 3.02 -0.82 17.38
N TRP A 269 3.36 -2.11 17.23
CA TRP A 269 2.36 -3.07 16.76
C TRP A 269 2.69 -4.46 17.24
N ALA A 270 1.71 -5.11 17.86
CA ALA A 270 1.85 -6.49 18.27
C ALA A 270 0.92 -7.39 17.44
N PRO A 271 1.34 -8.62 17.15
CA PRO A 271 0.58 -9.50 16.23
C PRO A 271 -0.71 -10.00 16.87
N PRO A 272 -1.83 -10.02 16.09
CA PRO A 272 -3.10 -10.61 16.54
C PRO A 272 -2.95 -12.10 16.85
ZN ZN B . -14.95 15.17 7.41
NA NA C . -5.36 13.68 -12.30
C1 GOL D . 10.12 1.82 -9.71
O1 GOL D . 10.13 0.60 -10.41
C2 GOL D . 8.93 2.60 -10.22
O2 GOL D . 8.39 1.92 -11.33
C3 GOL D . 7.87 2.60 -9.14
O3 GOL D . 7.15 3.79 -9.28
C1 GOL E . 16.39 -21.35 -13.08
O1 GOL E . 15.21 -21.05 -12.38
C2 GOL E . 16.36 -20.64 -14.43
O2 GOL E . 16.22 -19.26 -14.21
C3 GOL E . 17.69 -20.92 -15.15
O3 GOL E . 17.57 -20.71 -16.55
S SO4 F . 2.03 17.90 -6.20
O1 SO4 F . 3.48 18.36 -6.29
O2 SO4 F . 1.85 17.14 -4.93
O3 SO4 F . 1.08 19.04 -6.31
O4 SO4 F . 1.73 16.99 -7.36
C21 O9Y G . 8.17 2.66 -5.58
C22 O9Y G . 9.54 2.75 -5.84
C24 O9Y G . 9.76 0.40 -5.43
C26 O9Y G . 7.60 1.44 -5.23
C01 O9Y G . 2.10 -1.17 -4.94
C02 O9Y G . 1.76 0.17 -5.55
C03 O9Y G . 2.73 1.15 -5.60
C05 O9Y G . 2.46 2.41 -6.14
C06 O9Y G . 1.20 2.66 -6.67
C07 O9Y G . 0.22 1.67 -6.62
C08 O9Y G . 0.48 0.43 -6.06
C11 O9Y G . -2.98 1.58 -8.09
C12 O9Y G . -2.91 2.90 -7.67
C14 O9Y G . 3.53 3.48 -6.22
C23 O9Y G . 10.34 1.61 -5.77
C25 O9Y G . 8.40 0.31 -5.18
F04 O9Y G . 3.93 0.85 -5.08
N09 O9Y G . -1.08 1.91 -7.14
N10 O9Y G . -1.83 0.98 -7.73
N13 O9Y G . -1.71 3.07 -7.09
N16 O9Y G . 4.86 3.09 -6.61
N17 O9Y G . 5.93 3.99 -6.77
O15 O9Y G . 3.26 4.65 -6.03
O19 O9Y G . 6.66 4.31 -4.32
O20 O9Y G . 7.93 5.29 -5.89
S18 O9Y G . 7.15 4.12 -5.66
#